data_5V9J
#
_entry.id   5V9J
#
_cell.length_a   74.848
_cell.length_b   95.891
_cell.length_c   102.416
_cell.angle_alpha   90.000
_cell.angle_beta   90.000
_cell.angle_gamma   90.000
#
_symmetry.space_group_name_H-M   'P 21 21 21'
#
loop_
_entity.id
_entity.type
_entity.pdbx_description
1 polymer 'Histone-lysine N-methyltransferase EHMT1'
2 non-polymer S-ADENOSYLMETHIONINE
3 non-polymer N~2~-cyclohexyl-N~4~-(1-ethylpiperidin-4-yl)-6,7-dimethoxy-N~2~-methylquinazoline-2,4-diamine
4 non-polymer 'ZINC ION'
5 non-polymer 'CHLORIDE ION'
6 non-polymer 'UNKNOWN ATOM OR ION'
7 non-polymer 'DIMETHYL SULFOXIDE'
8 water water
#
_entity_poly.entity_id   1
_entity_poly.type   'polypeptide(L)'
_entity_poly.pdbx_seq_one_letter_code
;GSNSQVWSALQMSKALQDSAPDRPSPVERIVSRDIARGYERIPIPCVNAVDSEPCPSNYKYVSQNCVTSPMNIDRNITHL
QYCVCIDDCSSSNCMCGQLSMRCWYDKDGRLLPEFNMAEPPLIFECNHACSCWRNCRNRVVQNGLRARLQLYRTRDMGWG
VRSLQDIPPGTFVCEYVGELISDSEADVREEDSYLFDLDNKDGEVYCIDARFYGNVSRFINHHCEPNLVPVRVFMAHQDL
RFPRIAFFSTRLIEAGEQLGFDYGERFWDIKGKLFSCRCGSPKCRHS
;
_entity_poly.pdbx_strand_id   A,B
#
loop_
_chem_comp.id
_chem_comp.type
_chem_comp.name
_chem_comp.formula
90P non-polymer N~2~-cyclohexyl-N~4~-(1-ethylpiperidin-4-yl)-6,7-dimethoxy-N~2~-methylquinazoline-2,4-diamine 'C24 H37 N5 O2'
CL non-polymer 'CHLORIDE ION' 'Cl -1'
DMS non-polymer 'DIMETHYL SULFOXIDE' 'C2 H6 O S'
SAM non-polymer S-ADENOSYLMETHIONINE 'C15 H22 N6 O5 S'
UNX non-polymer 'UNKNOWN ATOM OR ION' ?
ZN non-polymer 'ZINC ION' 'Zn 2'
#
# COMPACT_ATOMS: atom_id res chain seq x y z
C VAL A 27 -10.27 18.85 -31.48
N GLU A 28 -9.57 19.27 -30.43
CA GLU A 28 -9.25 18.38 -29.32
C GLU A 28 -10.09 18.64 -28.06
N ARG A 29 -11.09 17.80 -27.86
CA ARG A 29 -11.96 17.87 -26.69
C ARG A 29 -11.25 17.20 -25.49
N ILE A 30 -11.19 17.88 -24.35
CA ILE A 30 -10.82 17.24 -23.08
C ILE A 30 -12.07 16.50 -22.57
N VAL A 31 -12.03 15.16 -22.56
CA VAL A 31 -13.16 14.35 -22.10
C VAL A 31 -13.03 13.83 -20.65
N SER A 32 -11.85 13.95 -20.05
CA SER A 32 -11.70 13.74 -18.61
C SER A 32 -10.43 14.42 -18.14
N ARG A 33 -10.48 15.09 -17.00
CA ARG A 33 -9.28 15.70 -16.45
C ARG A 33 -8.36 14.69 -15.77
N ASP A 34 -8.91 13.52 -15.41
CA ASP A 34 -8.10 12.47 -14.76
C ASP A 34 -8.84 11.13 -14.73
N ILE A 35 -8.43 10.19 -15.58
CA ILE A 35 -9.06 8.87 -15.61
C ILE A 35 -8.79 8.10 -14.32
N ALA A 36 -7.75 8.46 -13.59
CA ALA A 36 -7.36 7.80 -12.33
C ALA A 36 -8.05 8.38 -11.08
N ARG A 37 -8.84 9.44 -11.22
CA ARG A 37 -9.60 10.03 -10.09
C ARG A 37 -8.73 10.31 -8.85
N GLY A 38 -7.53 10.84 -9.09
CA GLY A 38 -6.60 11.23 -8.04
C GLY A 38 -5.75 10.12 -7.43
N TYR A 39 -5.82 8.89 -7.95
CA TYR A 39 -5.08 7.75 -7.38
C TYR A 39 -3.63 7.70 -7.82
N GLU A 40 -3.26 8.43 -8.86
CA GLU A 40 -1.85 8.58 -9.24
C GLU A 40 -1.31 9.91 -8.72
N ARG A 41 0.01 10.03 -8.72
CA ARG A 41 0.68 11.27 -8.29
C ARG A 41 0.19 12.51 -9.00
N ILE A 42 -0.01 12.34 -10.29
CA ILE A 42 -0.42 13.40 -11.19
C ILE A 42 -1.63 12.89 -11.97
N PRO A 43 -2.44 13.80 -12.51
CA PRO A 43 -3.58 13.34 -13.26
C PRO A 43 -3.18 12.71 -14.60
N ILE A 44 -4.05 11.84 -15.10
CA ILE A 44 -3.96 11.28 -16.44
C ILE A 44 -5.22 11.70 -17.20
N PRO A 45 -5.14 12.84 -17.90
CA PRO A 45 -6.32 13.29 -18.66
C PRO A 45 -6.59 12.46 -19.89
N CYS A 46 -7.79 12.61 -20.42
CA CYS A 46 -8.22 11.93 -21.63
C CYS A 46 -8.70 12.99 -22.62
N VAL A 47 -8.13 12.98 -23.83
CA VAL A 47 -8.52 13.89 -24.89
C VAL A 47 -8.95 13.13 -26.12
N ASN A 48 -9.77 13.78 -26.97
CA ASN A 48 -10.21 13.17 -28.21
C ASN A 48 -10.29 14.24 -29.30
N ALA A 49 -9.33 14.21 -30.22
CA ALA A 49 -9.29 15.12 -31.37
C ALA A 49 -9.70 14.43 -32.68
N VAL A 50 -10.26 13.23 -32.59
CA VAL A 50 -10.48 12.39 -33.77
C VAL A 50 -11.96 12.20 -34.10
N ASP A 51 -12.77 11.91 -33.09
CA ASP A 51 -14.15 11.54 -33.32
C ASP A 51 -14.99 11.91 -32.10
N SER A 52 -16.20 11.37 -32.00
CA SER A 52 -17.12 11.76 -30.94
C SER A 52 -17.16 10.80 -29.74
N GLU A 53 -16.34 9.75 -29.72
CA GLU A 53 -16.32 8.81 -28.58
C GLU A 53 -16.02 9.53 -27.26
N PRO A 54 -16.84 9.28 -26.22
CA PRO A 54 -16.55 9.84 -24.90
C PRO A 54 -15.41 9.06 -24.23
N CYS A 55 -14.94 9.57 -23.09
CA CYS A 55 -13.94 8.88 -22.26
C CYS A 55 -14.39 7.44 -21.98
N PRO A 56 -13.49 6.46 -22.15
CA PRO A 56 -13.94 5.08 -21.92
C PRO A 56 -14.36 4.86 -20.47
N SER A 57 -15.47 4.15 -20.30
CA SER A 57 -16.04 3.88 -18.98
C SER A 57 -16.53 2.44 -18.78
N ASN A 58 -16.06 1.55 -19.64
N ASN A 58 -16.16 1.53 -19.66
CA ASN A 58 -16.46 0.15 -19.66
CA ASN A 58 -16.57 0.14 -19.55
C ASN A 58 -15.66 -0.73 -18.69
C ASN A 58 -15.52 -0.68 -18.81
N TYR A 59 -14.96 -0.11 -17.74
CA TYR A 59 -13.97 -0.81 -16.91
C TYR A 59 -13.84 0.05 -15.65
N LYS A 60 -13.15 -0.48 -14.64
CA LYS A 60 -12.86 0.27 -13.44
C LYS A 60 -11.36 0.55 -13.34
N TYR A 61 -10.98 1.82 -13.24
CA TYR A 61 -9.59 2.20 -13.05
C TYR A 61 -9.15 1.80 -11.65
N VAL A 62 -8.08 1.02 -11.57
CA VAL A 62 -7.43 0.72 -10.30
C VAL A 62 -5.94 0.95 -10.47
N SER A 63 -5.31 1.59 -9.48
CA SER A 63 -3.90 1.96 -9.60
C SER A 63 -2.94 0.82 -9.20
N GLN A 64 -3.46 -0.19 -8.51
CA GLN A 64 -2.68 -1.37 -8.18
CA GLN A 64 -2.71 -1.37 -8.10
C GLN A 64 -3.48 -2.65 -8.44
N ASN A 65 -2.76 -3.76 -8.59
CA ASN A 65 -3.38 -5.03 -8.94
C ASN A 65 -4.44 -5.42 -7.91
N CYS A 66 -5.44 -6.15 -8.43
CA CYS A 66 -6.54 -6.68 -7.59
C CYS A 66 -6.81 -8.13 -7.96
N VAL A 67 -7.66 -8.75 -7.17
CA VAL A 67 -8.13 -10.11 -7.44
C VAL A 67 -9.63 -10.16 -7.30
N THR A 68 -10.25 -11.13 -7.98
CA THR A 68 -11.60 -11.53 -7.66
C THR A 68 -11.43 -12.83 -6.88
N SER A 69 -11.29 -13.95 -7.57
CA SER A 69 -10.98 -15.20 -6.89
C SER A 69 -9.63 -15.11 -6.21
N PRO A 70 -9.49 -15.75 -5.04
CA PRO A 70 -8.25 -15.62 -4.25
C PRO A 70 -7.02 -16.17 -4.96
N MET A 71 -5.84 -15.57 -4.78
N MET A 71 -5.94 -15.41 -4.84
CA MET A 71 -4.59 -16.06 -5.43
CA MET A 71 -4.61 -15.78 -5.23
C MET A 71 -3.59 -16.74 -4.49
C MET A 71 -3.86 -15.98 -3.92
N ASN A 72 -3.79 -16.60 -3.18
N ASN A 72 -3.39 -17.20 -3.69
CA ASN A 72 -2.87 -17.19 -2.18
CA ASN A 72 -2.68 -17.50 -2.46
C ASN A 72 -1.39 -16.90 -2.44
C ASN A 72 -1.26 -16.93 -2.47
N ILE A 73 -1.11 -15.61 -2.67
CA ILE A 73 0.23 -15.07 -2.82
C ILE A 73 0.93 -15.26 -1.48
N ASP A 74 2.17 -15.72 -1.52
CA ASP A 74 2.91 -15.93 -0.29
C ASP A 74 3.34 -14.58 0.27
N ARG A 75 2.70 -14.16 1.35
CA ARG A 75 3.06 -12.91 2.04
C ARG A 75 3.66 -13.14 3.42
N ASN A 76 4.14 -14.35 3.71
CA ASN A 76 4.86 -14.60 4.96
C ASN A 76 6.13 -13.76 4.99
N ILE A 77 6.18 -12.77 5.89
CA ILE A 77 7.33 -11.87 5.99
C ILE A 77 8.68 -12.60 6.19
N THR A 78 8.65 -13.76 6.87
CA THR A 78 9.88 -14.54 7.11
C THR A 78 10.37 -15.26 5.84
N HIS A 79 9.56 -15.26 4.78
CA HIS A 79 10.00 -15.84 3.49
C HIS A 79 10.75 -14.84 2.61
N LEU A 80 10.72 -13.55 2.97
CA LEU A 80 11.44 -12.54 2.18
C LEU A 80 12.93 -12.67 2.35
N GLN A 81 13.66 -12.66 1.23
CA GLN A 81 15.08 -12.37 1.28
CA GLN A 81 15.07 -12.36 1.26
C GLN A 81 15.21 -10.85 1.35
N TYR A 82 16.22 -10.38 2.05
CA TYR A 82 16.40 -8.96 2.29
C TYR A 82 17.87 -8.68 2.51
N CYS A 83 18.20 -7.39 2.54
CA CYS A 83 19.55 -6.95 2.74
C CYS A 83 19.76 -6.36 4.14
N VAL A 84 21.03 -6.35 4.54
CA VAL A 84 21.47 -5.81 5.83
C VAL A 84 22.36 -4.55 5.65
N CYS A 85 22.22 -3.86 4.51
CA CYS A 85 23.00 -2.67 4.20
C CYS A 85 22.87 -1.55 5.25
N ILE A 86 23.99 -0.90 5.54
CA ILE A 86 24.05 0.29 6.42
C ILE A 86 24.18 1.59 5.62
N ASP A 87 24.26 1.48 4.30
CA ASP A 87 24.38 2.62 3.42
C ASP A 87 23.06 2.79 2.64
N ASP A 88 23.14 3.40 1.46
CA ASP A 88 21.99 3.59 0.56
C ASP A 88 21.80 2.47 -0.49
N CYS A 89 22.32 1.27 -0.21
CA CYS A 89 22.21 0.13 -1.11
C CYS A 89 22.88 0.36 -2.48
N SER A 90 24.02 1.06 -2.46
CA SER A 90 24.81 1.30 -3.68
CA SER A 90 24.83 1.32 -3.66
C SER A 90 26.01 0.35 -3.82
N SER A 91 26.26 -0.52 -2.83
CA SER A 91 27.39 -1.44 -2.90
C SER A 91 26.97 -2.79 -3.46
N SER A 92 27.93 -3.52 -4.03
CA SER A 92 27.68 -4.88 -4.53
C SER A 92 27.38 -5.90 -3.44
N ASN A 93 27.58 -5.54 -2.18
CA ASN A 93 27.20 -6.40 -1.07
C ASN A 93 25.69 -6.47 -0.78
N CYS A 94 24.91 -5.55 -1.33
CA CYS A 94 23.47 -5.56 -1.12
C CYS A 94 22.81 -6.84 -1.64
N MET A 95 22.20 -7.63 -0.75
CA MET A 95 21.60 -8.90 -1.16
C MET A 95 20.54 -8.73 -2.26
N CYS A 96 19.78 -7.64 -2.16
CA CYS A 96 18.70 -7.40 -3.11
C CYS A 96 19.26 -7.10 -4.50
N GLY A 97 20.36 -6.35 -4.57
CA GLY A 97 21.11 -6.17 -5.81
C GLY A 97 21.63 -7.50 -6.34
N GLN A 98 22.17 -8.35 -5.45
CA GLN A 98 22.67 -9.66 -5.85
C GLN A 98 21.58 -10.57 -6.44
N LEU A 99 20.40 -10.56 -5.81
CA LEU A 99 19.25 -11.27 -6.33
C LEU A 99 18.88 -10.78 -7.74
N SER A 100 19.09 -9.49 -7.99
CA SER A 100 18.81 -8.84 -9.28
C SER A 100 19.97 -9.01 -10.29
N MET A 101 20.96 -9.81 -9.89
CA MET A 101 22.30 -9.93 -10.49
CA MET A 101 22.29 -9.91 -10.53
C MET A 101 23.18 -8.75 -10.09
N ARG A 102 22.69 -7.53 -10.30
CA ARG A 102 23.23 -6.32 -9.70
C ARG A 102 22.03 -5.35 -9.58
N CYS A 103 22.17 -4.32 -8.77
CA CYS A 103 21.19 -3.23 -8.78
C CYS A 103 21.37 -2.49 -10.11
N TRP A 104 20.29 -2.41 -10.89
CA TRP A 104 20.35 -1.80 -12.20
C TRP A 104 20.02 -0.30 -12.21
N TYR A 105 19.74 0.28 -11.05
CA TYR A 105 19.29 1.67 -10.98
C TYR A 105 20.42 2.66 -10.69
N ASP A 106 20.46 3.75 -11.41
CA ASP A 106 21.33 4.88 -11.05
C ASP A 106 20.64 5.69 -9.96
N LYS A 107 21.27 6.78 -9.50
CA LYS A 107 20.70 7.59 -8.42
C LYS A 107 19.38 8.30 -8.79
N ASP A 108 19.13 8.49 -10.10
CA ASP A 108 17.85 9.03 -10.59
C ASP A 108 16.75 7.97 -10.81
N GLY A 109 17.01 6.72 -10.46
CA GLY A 109 16.02 5.67 -10.66
C GLY A 109 15.94 5.13 -12.07
N ARG A 110 16.96 5.40 -12.89
CA ARG A 110 16.95 4.97 -14.27
CA ARG A 110 16.97 4.98 -14.28
C ARG A 110 17.86 3.76 -14.45
N LEU A 111 17.48 2.90 -15.38
CA LEU A 111 18.24 1.68 -15.65
C LEU A 111 19.61 2.05 -16.23
N LEU A 112 20.64 1.34 -15.80
CA LEU A 112 21.99 1.55 -16.34
C LEU A 112 22.07 1.17 -17.82
N PRO A 113 23.00 1.80 -18.60
CA PRO A 113 23.26 1.42 -20.01
C PRO A 113 23.41 -0.08 -20.25
N GLU A 114 24.01 -0.79 -19.30
CA GLU A 114 24.30 -2.21 -19.42
C GLU A 114 23.06 -3.10 -19.31
N PHE A 115 21.93 -2.54 -18.84
CA PHE A 115 20.70 -3.33 -18.69
C PHE A 115 20.31 -3.96 -20.02
N ASN A 116 20.03 -5.25 -20.00
CA ASN A 116 19.68 -5.97 -21.21
C ASN A 116 18.20 -5.82 -21.56
N MET A 117 17.91 -4.86 -22.43
CA MET A 117 16.53 -4.56 -22.85
C MET A 117 15.92 -5.68 -23.69
N ALA A 118 16.76 -6.43 -24.39
CA ALA A 118 16.27 -7.53 -25.23
C ALA A 118 15.92 -8.77 -24.40
N GLU A 119 16.54 -8.94 -23.23
CA GLU A 119 16.28 -10.11 -22.41
C GLU A 119 16.43 -9.68 -20.94
N PRO A 120 15.47 -8.91 -20.43
CA PRO A 120 15.62 -8.30 -19.10
C PRO A 120 15.72 -9.33 -17.98
N PRO A 121 16.52 -9.03 -16.96
CA PRO A 121 16.53 -9.87 -15.78
C PRO A 121 15.33 -9.57 -14.89
N LEU A 122 15.18 -10.37 -13.84
CA LEU A 122 14.22 -10.07 -12.76
C LEU A 122 14.85 -9.02 -11.87
N ILE A 123 14.06 -8.03 -11.46
CA ILE A 123 14.52 -7.01 -10.49
C ILE A 123 13.90 -7.27 -9.13
N PHE A 124 14.75 -7.39 -8.10
CA PHE A 124 14.30 -7.46 -6.71
C PHE A 124 14.62 -6.14 -6.06
N GLU A 125 13.56 -5.36 -5.83
CA GLU A 125 13.71 -4.12 -5.12
C GLU A 125 13.80 -4.43 -3.63
N CYS A 126 14.34 -3.46 -2.89
CA CYS A 126 14.37 -3.56 -1.44
C CYS A 126 12.94 -3.53 -0.90
N ASN A 127 12.78 -4.10 0.28
CA ASN A 127 11.47 -4.27 0.89
C ASN A 127 11.51 -3.90 2.39
N HIS A 128 10.36 -4.03 3.01
CA HIS A 128 10.15 -3.71 4.43
C HIS A 128 10.89 -4.66 5.40
N ALA A 129 11.41 -5.79 4.92
CA ALA A 129 12.29 -6.62 5.75
C ALA A 129 13.75 -6.18 5.74
N CYS A 130 14.18 -5.39 4.73
CA CYS A 130 15.56 -4.91 4.62
C CYS A 130 15.89 -3.95 5.76
N SER A 131 17.18 -3.85 6.09
CA SER A 131 17.65 -2.94 7.14
CA SER A 131 17.65 -2.95 7.14
C SER A 131 17.77 -1.50 6.66
N CYS A 132 17.75 -1.30 5.34
CA CYS A 132 17.95 0.00 4.73
C CYS A 132 16.75 0.91 4.87
N TRP A 133 16.94 2.16 4.49
CA TRP A 133 15.91 3.18 4.57
C TRP A 133 15.04 3.19 3.33
N ARG A 134 13.87 3.79 3.48
CA ARG A 134 12.85 3.85 2.43
C ARG A 134 13.31 4.67 1.20
N ASN A 135 14.36 5.48 1.34
CA ASN A 135 14.94 6.23 0.24
C ASN A 135 16.20 5.62 -0.36
N CYS A 136 16.44 4.33 -0.14
CA CYS A 136 17.66 3.72 -0.69
C CYS A 136 17.61 3.68 -2.24
N ARG A 137 18.75 3.40 -2.85
N ARG A 137 18.77 3.39 -2.83
CA ARG A 137 18.87 3.39 -4.30
CA ARG A 137 18.94 3.32 -4.27
C ARG A 137 18.01 2.31 -4.98
C ARG A 137 18.00 2.31 -4.95
N ASN A 138 17.77 1.19 -4.30
CA ASN A 138 17.09 0.07 -4.93
C ASN A 138 15.57 0.07 -4.73
N ARG A 139 14.96 1.21 -5.03
CA ARG A 139 13.52 1.41 -4.87
C ARG A 139 13.10 2.41 -5.94
N VAL A 140 12.36 1.93 -6.93
CA VAL A 140 11.91 2.73 -8.06
C VAL A 140 10.44 2.44 -8.38
N VAL A 141 10.16 1.21 -8.78
CA VAL A 141 8.82 0.80 -9.16
C VAL A 141 7.89 0.95 -7.96
N GLN A 142 8.39 0.67 -6.77
CA GLN A 142 7.57 0.79 -5.56
C GLN A 142 7.16 2.24 -5.22
N ASN A 143 7.81 3.21 -5.85
CA ASN A 143 7.40 4.60 -5.73
C ASN A 143 6.31 5.05 -6.68
N GLY A 144 5.94 4.20 -7.64
CA GLY A 144 4.78 4.46 -8.48
C GLY A 144 5.03 5.33 -9.69
N LEU A 145 3.95 5.52 -10.44
CA LEU A 145 3.99 6.27 -11.68
C LEU A 145 4.30 7.75 -11.41
N ARG A 146 5.23 8.32 -12.18
CA ARG A 146 5.61 9.74 -12.08
C ARG A 146 5.43 10.55 -13.39
N ALA A 147 5.53 9.88 -14.55
CA ALA A 147 5.55 10.60 -15.82
C ALA A 147 4.17 11.16 -16.13
N ARG A 148 4.15 12.27 -16.85
CA ARG A 148 2.93 12.90 -17.30
C ARG A 148 2.42 12.20 -18.55
N LEU A 149 1.36 11.41 -18.39
CA LEU A 149 0.78 10.66 -19.49
C LEU A 149 -0.61 11.19 -19.84
N GLN A 150 -1.09 10.82 -21.02
CA GLN A 150 -2.40 11.25 -21.49
C GLN A 150 -3.05 10.15 -22.30
N LEU A 151 -4.31 9.85 -21.99
CA LEU A 151 -5.12 8.95 -22.80
C LEU A 151 -5.66 9.80 -23.96
N TYR A 152 -5.54 9.29 -25.18
CA TYR A 152 -5.98 10.03 -26.35
C TYR A 152 -6.53 9.11 -27.45
N ARG A 153 -7.38 9.69 -28.30
CA ARG A 153 -7.92 8.95 -29.42
C ARG A 153 -6.94 8.97 -30.59
N THR A 154 -6.51 7.77 -31.00
CA THR A 154 -5.64 7.64 -32.17
C THR A 154 -6.52 7.70 -33.43
N ARG A 155 -5.84 7.84 -34.56
CA ARG A 155 -6.46 7.85 -35.89
C ARG A 155 -7.12 6.51 -36.21
N ASP A 156 -6.41 5.41 -36.01
CA ASP A 156 -6.92 4.11 -36.44
C ASP A 156 -6.63 2.91 -35.52
N MET A 157 -6.29 3.16 -34.26
CA MET A 157 -6.02 2.09 -33.31
C MET A 157 -6.79 2.29 -32.01
N GLY A 158 -8.00 2.85 -32.09
CA GLY A 158 -8.77 3.16 -30.89
C GLY A 158 -8.07 4.15 -29.95
N TRP A 159 -8.19 3.90 -28.64
CA TRP A 159 -7.52 4.73 -27.65
C TRP A 159 -6.06 4.33 -27.56
N GLY A 160 -5.22 5.30 -27.20
CA GLY A 160 -3.80 5.07 -27.00
C GLY A 160 -3.32 5.94 -25.86
N VAL A 161 -2.07 5.77 -25.48
CA VAL A 161 -1.48 6.55 -24.41
C VAL A 161 -0.24 7.25 -24.93
N ARG A 162 -0.11 8.55 -24.64
CA ARG A 162 1.08 9.29 -25.01
C ARG A 162 1.75 9.91 -23.79
N SER A 163 3.05 10.17 -23.93
CA SER A 163 3.80 10.95 -22.98
C SER A 163 3.68 12.42 -23.34
N LEU A 164 3.38 13.23 -22.34
CA LEU A 164 3.30 14.67 -22.50
C LEU A 164 4.67 15.34 -22.43
N GLN A 165 5.65 14.67 -21.83
CA GLN A 165 7.00 15.23 -21.67
C GLN A 165 8.04 14.26 -22.18
N ASP A 166 9.26 14.75 -22.32
CA ASP A 166 10.39 13.88 -22.63
C ASP A 166 10.61 12.87 -21.51
N ILE A 167 10.86 11.61 -21.89
CA ILE A 167 11.18 10.57 -20.90
C ILE A 167 12.54 10.02 -21.31
N PRO A 168 13.58 10.22 -20.47
CA PRO A 168 14.89 9.69 -20.84
C PRO A 168 14.90 8.15 -20.89
N PRO A 169 15.87 7.57 -21.60
CA PRO A 169 15.99 6.12 -21.64
C PRO A 169 16.10 5.51 -20.22
N GLY A 170 15.55 4.31 -20.06
CA GLY A 170 15.66 3.54 -18.83
C GLY A 170 14.80 4.05 -17.69
N THR A 171 13.77 4.81 -17.98
CA THR A 171 12.96 5.42 -16.94
C THR A 171 11.74 4.55 -16.75
N PHE A 172 11.35 4.34 -15.48
CA PHE A 172 10.07 3.68 -15.18
C PHE A 172 8.90 4.54 -15.63
N VAL A 173 8.04 3.99 -16.49
CA VAL A 173 6.92 4.72 -17.03
C VAL A 173 5.60 4.35 -16.35
N CYS A 174 5.25 3.06 -16.34
CA CYS A 174 4.02 2.62 -15.69
C CYS A 174 4.04 1.11 -15.51
N GLU A 175 3.21 0.66 -14.59
CA GLU A 175 3.02 -0.75 -14.34
C GLU A 175 1.82 -1.28 -15.11
N TYR A 176 1.91 -2.53 -15.59
CA TYR A 176 0.74 -3.18 -16.19
C TYR A 176 -0.11 -3.70 -15.04
N VAL A 177 -1.20 -3.02 -14.75
CA VAL A 177 -2.05 -3.31 -13.60
C VAL A 177 -3.39 -3.87 -14.03
N GLY A 178 -3.81 -4.89 -13.30
CA GLY A 178 -5.17 -5.38 -13.47
C GLY A 178 -5.56 -6.45 -12.49
N GLU A 179 -6.42 -7.35 -12.95
CA GLU A 179 -6.95 -8.45 -12.16
C GLU A 179 -6.05 -9.67 -12.34
N LEU A 180 -5.46 -10.17 -11.27
CA LEU A 180 -4.63 -11.37 -11.33
C LEU A 180 -5.54 -12.59 -11.40
N ILE A 181 -5.34 -13.43 -12.41
CA ILE A 181 -6.14 -14.63 -12.63
C ILE A 181 -5.27 -15.82 -12.98
N SER A 182 -5.80 -17.01 -12.74
CA SER A 182 -5.16 -18.26 -13.17
C SER A 182 -5.24 -18.47 -14.67
N ASP A 183 -4.33 -19.30 -15.19
CA ASP A 183 -4.45 -19.78 -16.55
C ASP A 183 -5.81 -20.45 -16.85
N SER A 184 -6.32 -21.25 -15.90
CA SER A 184 -7.63 -21.93 -16.06
CA SER A 184 -7.62 -21.93 -16.10
C SER A 184 -8.76 -20.92 -16.19
N GLU A 185 -8.65 -19.79 -15.47
CA GLU A 185 -9.60 -18.70 -15.59
C GLU A 185 -9.44 -17.95 -16.91
N ALA A 186 -8.19 -17.66 -17.31
CA ALA A 186 -7.94 -17.00 -18.58
C ALA A 186 -8.52 -17.84 -19.74
N ASP A 187 -8.38 -19.16 -19.64
CA ASP A 187 -8.93 -20.12 -20.64
C ASP A 187 -10.43 -19.94 -20.89
N VAL A 188 -11.18 -19.45 -19.91
CA VAL A 188 -12.63 -19.24 -20.05
C VAL A 188 -13.07 -17.77 -20.11
N ARG A 189 -12.13 -16.85 -20.34
CA ARG A 189 -12.48 -15.43 -20.49
C ARG A 189 -12.81 -15.14 -21.95
N GLU A 190 -13.93 -14.46 -22.19
CA GLU A 190 -14.40 -14.17 -23.55
C GLU A 190 -13.45 -13.17 -24.21
N GLU A 191 -13.19 -12.07 -23.52
CA GLU A 191 -12.34 -10.99 -24.04
C GLU A 191 -10.88 -11.18 -23.57
N ASP A 192 -9.99 -11.40 -24.54
CA ASP A 192 -8.58 -11.65 -24.29
C ASP A 192 -7.64 -10.55 -24.82
N SER A 193 -8.18 -9.38 -25.19
CA SER A 193 -7.40 -8.29 -25.79
C SER A 193 -6.66 -7.43 -24.77
N TYR A 194 -6.89 -7.68 -23.47
CA TYR A 194 -6.26 -6.95 -22.39
C TYR A 194 -5.61 -7.93 -21.39
N LEU A 195 -4.93 -8.94 -21.91
CA LEU A 195 -4.24 -9.93 -21.08
C LEU A 195 -2.73 -9.76 -21.17
N PHE A 196 -2.07 -9.93 -20.03
CA PHE A 196 -0.61 -10.00 -19.98
C PHE A 196 -0.23 -11.30 -19.28
N ASP A 197 0.52 -12.16 -19.96
CA ASP A 197 0.87 -13.47 -19.41
C ASP A 197 2.06 -13.37 -18.47
N LEU A 198 1.91 -13.96 -17.28
CA LEU A 198 3.02 -14.19 -16.35
C LEU A 198 3.43 -15.67 -16.50
N ASP A 199 4.05 -16.01 -17.62
CA ASP A 199 4.37 -17.42 -17.96
C ASP A 199 5.85 -17.65 -18.23
N GLY A 203 5.48 -25.11 -14.28
CA GLY A 203 4.90 -24.66 -13.02
C GLY A 203 3.52 -24.05 -13.19
N GLU A 204 2.97 -23.51 -12.11
CA GLU A 204 1.68 -22.81 -12.15
C GLU A 204 1.89 -21.51 -12.89
N VAL A 205 0.93 -21.14 -13.73
CA VAL A 205 1.06 -19.88 -14.47
C VAL A 205 -0.20 -19.03 -14.38
N TYR A 206 0.03 -17.73 -14.38
CA TYR A 206 -0.99 -16.72 -14.10
C TYR A 206 -0.95 -15.63 -15.14
N CYS A 207 -1.97 -14.78 -15.08
CA CYS A 207 -2.20 -13.70 -16.06
CA CYS A 207 -2.21 -13.75 -16.06
C CYS A 207 -2.70 -12.48 -15.36
N ILE A 208 -2.42 -11.31 -15.95
CA ILE A 208 -3.04 -10.08 -15.51
C ILE A 208 -4.08 -9.75 -16.58
N ASP A 209 -5.35 -9.70 -16.18
CA ASP A 209 -6.41 -9.31 -17.09
C ASP A 209 -6.83 -7.90 -16.73
N ALA A 210 -6.60 -6.97 -17.66
CA ALA A 210 -6.96 -5.58 -17.43
C ALA A 210 -8.32 -5.22 -18.05
N ARG A 211 -9.10 -6.20 -18.51
CA ARG A 211 -10.37 -5.89 -19.17
C ARG A 211 -11.36 -5.20 -18.23
N PHE A 212 -11.58 -5.77 -17.04
CA PHE A 212 -12.57 -5.21 -16.11
C PHE A 212 -11.98 -4.25 -15.09
N TYR A 213 -10.77 -4.55 -14.62
CA TYR A 213 -10.05 -3.70 -13.69
C TYR A 213 -8.65 -3.49 -14.27
N GLY A 214 -8.23 -2.24 -14.41
CA GLY A 214 -6.89 -1.96 -14.94
C GLY A 214 -6.53 -0.51 -14.76
N ASN A 215 -5.25 -0.20 -15.01
CA ASN A 215 -4.78 1.19 -14.95
C ASN A 215 -4.54 1.68 -16.38
N VAL A 216 -3.80 2.79 -16.52
CA VAL A 216 -3.49 3.40 -17.81
C VAL A 216 -2.85 2.44 -18.82
N SER A 217 -2.09 1.45 -18.33
CA SER A 217 -1.40 0.52 -19.21
C SER A 217 -2.32 -0.29 -20.13
N ARG A 218 -3.56 -0.51 -19.71
CA ARG A 218 -4.52 -1.24 -20.54
C ARG A 218 -4.80 -0.58 -21.91
N PHE A 219 -4.50 0.72 -22.01
CA PHE A 219 -4.72 1.47 -23.25
C PHE A 219 -3.48 1.58 -24.15
N ILE A 220 -2.36 1.01 -23.72
CA ILE A 220 -1.13 1.10 -24.51
C ILE A 220 -1.22 0.12 -25.69
N ASN A 221 -0.98 0.65 -26.89
CA ASN A 221 -0.99 -0.14 -28.12
C ASN A 221 0.32 -0.84 -28.39
N HIS A 222 0.24 -1.85 -29.25
CA HIS A 222 1.41 -2.62 -29.67
C HIS A 222 2.28 -1.88 -30.68
N HIS A 223 3.59 -1.99 -30.53
CA HIS A 223 4.54 -1.48 -31.53
C HIS A 223 5.64 -2.52 -31.69
N CYS A 224 6.04 -2.78 -32.94
CA CYS A 224 7.08 -3.78 -33.25
C CYS A 224 8.51 -3.34 -32.94
N GLU A 225 8.74 -2.05 -32.88
CA GLU A 225 10.00 -1.43 -32.36
C GLU A 225 9.71 -0.55 -31.15
N PRO A 226 9.35 -1.20 -30.02
CA PRO A 226 8.68 -0.48 -28.95
C PRO A 226 9.58 0.43 -28.13
N ASN A 227 9.00 1.56 -27.68
CA ASN A 227 9.66 2.46 -26.74
C ASN A 227 9.49 2.08 -25.28
N LEU A 228 8.73 1.02 -25.00
CA LEU A 228 8.66 0.45 -23.65
C LEU A 228 9.03 -1.01 -23.67
N VAL A 229 9.66 -1.46 -22.60
CA VAL A 229 9.90 -2.88 -22.38
C VAL A 229 9.35 -3.29 -21.00
N PRO A 230 8.63 -4.43 -20.93
CA PRO A 230 8.18 -4.96 -19.64
C PRO A 230 9.28 -5.68 -18.90
N VAL A 231 9.38 -5.41 -17.61
CA VAL A 231 10.38 -5.99 -16.73
C VAL A 231 9.64 -6.58 -15.54
N ARG A 232 10.03 -7.80 -15.15
CA ARG A 232 9.43 -8.49 -14.00
CA ARG A 232 9.41 -8.47 -14.02
C ARG A 232 10.08 -8.00 -12.73
N VAL A 233 9.27 -7.50 -11.80
CA VAL A 233 9.79 -6.86 -10.58
C VAL A 233 9.11 -7.46 -9.34
N PHE A 234 9.90 -7.63 -8.26
CA PHE A 234 9.43 -8.04 -6.93
C PHE A 234 9.73 -6.95 -5.95
N MET A 235 8.74 -6.66 -5.10
CA MET A 235 8.79 -5.56 -4.15
C MET A 235 8.35 -6.13 -2.78
N ALA A 236 7.08 -6.04 -2.43
CA ALA A 236 6.62 -6.37 -1.07
C ALA A 236 6.56 -7.87 -0.78
N HIS A 237 6.47 -8.67 -1.84
CA HIS A 237 6.54 -10.13 -1.76
C HIS A 237 7.53 -10.66 -2.81
N GLN A 238 7.97 -11.91 -2.62
CA GLN A 238 8.87 -12.58 -3.56
C GLN A 238 8.33 -13.92 -4.03
N ASP A 239 7.01 -13.97 -4.13
CA ASP A 239 6.30 -15.11 -4.73
C ASP A 239 6.50 -15.06 -6.23
N LEU A 240 7.36 -15.95 -6.73
CA LEU A 240 7.82 -15.89 -8.11
C LEU A 240 6.75 -16.23 -9.16
N ARG A 241 5.60 -16.72 -8.71
CA ARG A 241 4.44 -16.90 -9.56
C ARG A 241 3.83 -15.55 -9.97
N PHE A 242 4.12 -14.51 -9.19
CA PHE A 242 3.42 -13.23 -9.32
C PHE A 242 4.38 -12.06 -9.45
N PRO A 243 5.25 -12.07 -10.50
CA PRO A 243 5.98 -10.85 -10.78
C PRO A 243 5.05 -9.72 -11.10
N ARG A 244 5.47 -8.50 -10.79
CA ARG A 244 4.75 -7.32 -11.22
C ARG A 244 5.42 -6.80 -12.48
N ILE A 245 4.63 -6.22 -13.38
CA ILE A 245 5.11 -5.92 -14.72
C ILE A 245 5.32 -4.40 -14.88
N ALA A 246 6.58 -4.00 -14.97
CA ALA A 246 6.96 -2.59 -15.01
C ALA A 246 7.50 -2.25 -16.37
N PHE A 247 6.90 -1.25 -17.03
CA PHE A 247 7.39 -0.81 -18.30
C PHE A 247 8.45 0.27 -18.09
N PHE A 248 9.62 0.07 -18.68
CA PHE A 248 10.68 1.04 -18.68
C PHE A 248 10.91 1.49 -20.14
N SER A 249 11.30 2.75 -20.30
CA SER A 249 11.61 3.30 -21.61
C SER A 249 12.88 2.67 -22.19
N THR A 250 12.83 2.28 -23.45
CA THR A 250 13.95 1.64 -24.14
C THR A 250 14.85 2.68 -24.82
N ARG A 251 14.40 3.92 -24.87
CA ARG A 251 15.11 5.02 -25.51
C ARG A 251 14.51 6.31 -25.00
N LEU A 252 15.08 7.44 -25.39
CA LEU A 252 14.42 8.72 -25.19
C LEU A 252 13.06 8.73 -25.89
N ILE A 253 12.02 9.02 -25.14
CA ILE A 253 10.66 9.17 -25.65
C ILE A 253 10.38 10.66 -25.65
N GLU A 254 10.14 11.22 -26.83
CA GLU A 254 9.94 12.65 -26.93
C GLU A 254 8.52 13.05 -26.54
N ALA A 255 8.39 14.25 -25.98
CA ALA A 255 7.08 14.80 -25.65
C ALA A 255 6.12 14.67 -26.84
N GLY A 256 4.92 14.15 -26.56
CA GLY A 256 3.90 13.90 -27.59
C GLY A 256 3.84 12.49 -28.16
N GLU A 257 4.91 11.70 -27.98
CA GLU A 257 4.98 10.38 -28.58
C GLU A 257 4.03 9.39 -27.92
N GLN A 258 3.41 8.56 -28.76
CA GLN A 258 2.63 7.43 -28.32
C GLN A 258 3.56 6.39 -27.66
N LEU A 259 3.12 5.88 -26.51
CA LEU A 259 3.77 4.72 -25.90
C LEU A 259 3.39 3.44 -26.62
N GLY A 260 4.34 2.52 -26.69
CA GLY A 260 4.08 1.20 -27.19
C GLY A 260 4.98 0.15 -26.57
N PHE A 261 4.44 -1.06 -26.43
CA PHE A 261 5.23 -2.24 -26.08
C PHE A 261 4.92 -3.40 -27.05
N ASP A 262 5.79 -4.40 -27.08
CA ASP A 262 5.61 -5.60 -27.88
C ASP A 262 4.72 -6.57 -27.12
N TYR A 263 3.47 -6.69 -27.58
CA TYR A 263 2.51 -7.65 -27.05
C TYR A 263 2.94 -9.10 -27.10
N GLY A 264 3.85 -9.43 -28.03
CA GLY A 264 4.40 -10.79 -28.10
C GLY A 264 3.65 -11.72 -29.04
N GLU A 265 4.16 -12.95 -29.14
CA GLU A 265 3.71 -13.91 -30.16
C GLU A 265 2.36 -14.55 -29.87
N ARG A 266 2.02 -14.80 -28.60
CA ARG A 266 0.70 -15.38 -28.32
C ARG A 266 -0.42 -14.44 -28.79
N PHE A 267 -0.28 -13.15 -28.50
CA PHE A 267 -1.28 -12.16 -28.92
C PHE A 267 -1.47 -12.23 -30.43
N TRP A 268 -0.36 -12.19 -31.16
CA TRP A 268 -0.41 -12.07 -32.63
C TRP A 268 -0.81 -13.37 -33.32
N ASP A 269 -0.42 -14.52 -32.77
CA ASP A 269 -0.93 -15.82 -33.25
C ASP A 269 -2.46 -15.86 -33.25
N ILE A 270 -3.06 -15.29 -32.21
CA ILE A 270 -4.52 -15.26 -32.10
C ILE A 270 -5.14 -14.15 -32.95
N LYS A 271 -4.67 -12.92 -32.76
CA LYS A 271 -5.33 -11.76 -33.38
C LYS A 271 -4.90 -11.52 -34.83
N GLY A 272 -3.76 -12.07 -35.24
CA GLY A 272 -3.30 -12.02 -36.63
C GLY A 272 -4.32 -12.57 -37.64
N LYS A 273 -5.14 -13.52 -37.18
CA LYS A 273 -6.30 -14.02 -37.93
C LYS A 273 -7.36 -12.94 -38.24
N LEU A 274 -7.47 -11.94 -37.36
CA LEU A 274 -8.54 -10.96 -37.40
C LEU A 274 -8.12 -9.61 -37.98
N PHE A 275 -6.92 -9.16 -37.65
CA PHE A 275 -6.39 -7.91 -38.19
C PHE A 275 -4.87 -7.94 -38.22
N SER A 276 -4.32 -7.04 -39.02
CA SER A 276 -2.88 -6.91 -39.19
CA SER A 276 -2.88 -6.90 -39.18
C SER A 276 -2.37 -5.73 -38.35
N CYS A 277 -1.09 -5.78 -37.99
CA CYS A 277 -0.50 -4.72 -37.19
C CYS A 277 -0.46 -3.40 -37.95
N ARG A 278 -0.91 -2.34 -37.29
CA ARG A 278 -0.87 -0.99 -37.85
C ARG A 278 0.13 -0.07 -37.15
N CYS A 279 1.21 -0.64 -36.58
CA CYS A 279 2.21 0.18 -35.88
C CYS A 279 2.96 1.10 -36.83
N GLY A 280 3.05 0.69 -38.10
CA GLY A 280 3.68 1.51 -39.13
C GLY A 280 5.19 1.49 -39.11
N SER A 281 5.81 0.57 -38.36
CA SER A 281 7.26 0.50 -38.34
C SER A 281 7.75 -0.04 -39.69
N PRO A 282 8.88 0.50 -40.20
CA PRO A 282 9.54 -0.19 -41.32
C PRO A 282 9.98 -1.62 -41.02
N LYS A 283 10.20 -1.93 -39.74
CA LYS A 283 10.52 -3.29 -39.28
C LYS A 283 9.33 -4.04 -38.65
N CYS A 284 8.10 -3.68 -39.04
CA CYS A 284 6.89 -4.32 -38.51
C CYS A 284 6.91 -5.81 -38.81
N ARG A 285 6.59 -6.64 -37.82
CA ARG A 285 6.68 -8.10 -37.94
C ARG A 285 5.31 -8.76 -37.98
N HIS A 286 4.24 -7.97 -38.00
CA HIS A 286 2.88 -8.53 -37.99
C HIS A 286 1.93 -7.81 -38.96
N SER A 287 2.45 -7.24 -40.05
CA SER A 287 1.62 -6.46 -40.98
C SER A 287 1.03 -7.38 -42.03
C VAL B 27 20.11 14.41 28.75
N GLU B 28 19.59 14.93 27.65
CA GLU B 28 18.80 14.13 26.71
C GLU B 28 19.61 13.71 25.46
N ARG B 29 19.91 12.40 25.36
CA ARG B 29 20.62 11.84 24.21
C ARG B 29 19.64 11.51 23.10
N ILE B 30 19.93 11.97 21.87
CA ILE B 30 19.20 11.51 20.68
C ILE B 30 19.83 10.20 20.21
N VAL B 31 19.10 9.09 20.32
CA VAL B 31 19.62 7.78 19.90
C VAL B 31 19.15 7.31 18.53
N SER B 32 18.14 7.96 17.97
CA SER B 32 17.77 7.77 16.56
C SER B 32 17.03 8.99 16.06
N ARG B 33 17.33 9.44 14.85
CA ARG B 33 16.53 10.49 14.23
C ARG B 33 15.20 9.96 13.66
N ASP B 34 15.12 8.66 13.44
CA ASP B 34 13.90 8.03 12.87
C ASP B 34 13.88 6.51 13.03
N ILE B 35 13.09 6.01 13.99
CA ILE B 35 12.96 4.57 14.18
C ILE B 35 12.26 3.87 13.00
N ALA B 36 11.50 4.63 12.22
CA ALA B 36 10.78 4.10 11.06
C ALA B 36 11.61 4.08 9.76
N ARG B 37 12.84 4.61 9.80
CA ARG B 37 13.76 4.58 8.64
C ARG B 37 13.13 5.16 7.37
N GLY B 38 12.38 6.28 7.52
CA GLY B 38 11.75 6.95 6.41
C GLY B 38 10.45 6.36 5.88
N TYR B 39 9.94 5.33 6.52
CA TYR B 39 8.69 4.70 6.06
C TYR B 39 7.42 5.48 6.41
N GLU B 40 7.51 6.42 7.36
CA GLU B 40 6.35 7.25 7.70
C GLU B 40 6.48 8.62 7.04
N ARG B 41 5.39 9.39 7.01
CA ARG B 41 5.43 10.75 6.46
C ARG B 41 6.39 11.70 7.17
N ILE B 42 6.65 11.43 8.44
CA ILE B 42 7.48 12.24 9.30
C ILE B 42 8.40 11.29 10.06
N PRO B 43 9.57 11.77 10.50
CA PRO B 43 10.43 10.91 11.28
C PRO B 43 9.82 10.68 12.67
N ILE B 44 10.16 9.56 13.29
CA ILE B 44 9.84 9.28 14.66
C ILE B 44 11.16 9.11 15.39
N PRO B 45 11.71 10.20 15.95
CA PRO B 45 12.98 10.04 16.67
C PRO B 45 12.84 9.31 18.00
N CYS B 46 13.97 8.80 18.49
CA CYS B 46 14.06 8.19 19.81
C CYS B 46 15.09 8.99 20.62
N VAL B 47 14.70 9.33 21.85
CA VAL B 47 15.58 10.02 22.81
C VAL B 47 15.62 9.26 24.13
N ASN B 48 16.71 9.42 24.87
CA ASN B 48 16.84 8.85 26.20
C ASN B 48 17.49 9.91 27.09
N ALA B 49 16.70 10.46 28.01
CA ALA B 49 17.20 11.39 29.02
C ALA B 49 17.18 10.78 30.43
N VAL B 50 17.15 9.45 30.53
CA VAL B 50 16.99 8.76 31.80
C VAL B 50 18.14 7.80 32.13
N ASP B 51 18.58 7.01 31.16
CA ASP B 51 19.60 5.99 31.38
C ASP B 51 20.41 5.74 30.09
N SER B 52 21.20 4.68 30.07
CA SER B 52 22.09 4.41 28.94
C SER B 52 21.58 3.29 28.02
N GLU B 53 20.29 2.96 28.12
CA GLU B 53 19.68 2.01 27.20
C GLU B 53 19.72 2.55 25.78
N PRO B 54 20.20 1.73 24.82
CA PRO B 54 20.21 2.18 23.43
C PRO B 54 18.81 2.10 22.83
N CYS B 55 18.63 2.73 21.68
CA CYS B 55 17.40 2.62 20.87
C CYS B 55 16.97 1.16 20.78
N PRO B 56 15.69 0.86 21.10
CA PRO B 56 15.31 -0.56 21.10
C PRO B 56 15.52 -1.19 19.72
N SER B 57 16.01 -2.43 19.70
CA SER B 57 16.35 -3.09 18.45
C SER B 57 16.01 -4.57 18.43
N ASN B 58 15.20 -5.04 19.38
CA ASN B 58 14.84 -6.46 19.50
C ASN B 58 13.51 -6.77 18.78
N TYR B 59 13.15 -5.92 17.82
CA TYR B 59 11.94 -6.09 17.03
C TYR B 59 12.26 -5.51 15.67
N LYS B 60 11.35 -5.72 14.71
CA LYS B 60 11.48 -5.10 13.40
C LYS B 60 10.38 -4.09 13.21
N TYR B 61 10.74 -2.86 12.88
CA TYR B 61 9.77 -1.81 12.68
C TYR B 61 9.12 -2.03 11.32
N VAL B 62 7.79 -2.17 11.31
CA VAL B 62 6.99 -2.18 10.07
C VAL B 62 5.91 -1.12 10.17
N SER B 63 5.69 -0.37 9.10
CA SER B 63 4.66 0.67 9.06
C SER B 63 3.24 0.15 8.74
N GLN B 64 3.16 -1.08 8.25
N GLN B 64 3.15 -1.09 8.28
CA GLN B 64 1.90 -1.74 7.90
CA GLN B 64 1.86 -1.70 7.99
C GLN B 64 1.87 -3.15 8.48
C GLN B 64 1.86 -3.15 8.47
N ASN B 65 0.66 -3.65 8.74
CA ASN B 65 0.47 -5.00 9.25
C ASN B 65 1.10 -6.07 8.35
N CYS B 66 1.61 -7.11 8.98
CA CYS B 66 2.21 -8.23 8.23
C CYS B 66 1.63 -9.54 8.78
N VAL B 67 1.95 -10.64 8.11
CA VAL B 67 1.64 -11.99 8.55
C VAL B 67 2.88 -12.86 8.47
N THR B 68 2.90 -13.90 9.30
CA THR B 68 3.82 -15.02 9.09
C THR B 68 2.93 -16.09 8.44
N SER B 69 2.24 -16.90 9.23
CA SER B 69 1.27 -17.87 8.71
C SER B 69 0.14 -17.14 8.00
N PRO B 70 -0.38 -17.71 6.90
CA PRO B 70 -1.35 -16.97 6.08
C PRO B 70 -2.68 -16.69 6.80
N MET B 71 -3.32 -15.55 6.51
N MET B 71 -3.20 -15.50 6.57
CA MET B 71 -4.57 -15.17 7.17
CA MET B 71 -4.53 -15.12 6.94
C MET B 71 -5.82 -15.36 6.30
C MET B 71 -5.23 -14.98 5.61
N ASN B 72 -5.66 -15.52 5.00
N ASN B 72 -6.24 -15.80 5.36
CA ASN B 72 -6.81 -15.71 4.11
CA ASN B 72 -6.94 -15.71 4.09
C ASN B 72 -7.81 -14.53 4.12
C ASN B 72 -7.87 -14.51 4.14
N ILE B 73 -7.29 -13.30 4.20
CA ILE B 73 -8.09 -12.07 4.23
C ILE B 73 -8.85 -12.01 2.91
N ASP B 74 -10.13 -11.70 2.98
CA ASP B 74 -10.95 -11.64 1.76
C ASP B 74 -10.63 -10.33 1.00
N ARG B 75 -9.88 -10.46 -0.09
CA ARG B 75 -9.52 -9.33 -0.93
C ARG B 75 -10.22 -9.35 -2.28
N ASN B 76 -11.29 -10.16 -2.41
CA ASN B 76 -12.11 -10.12 -3.62
C ASN B 76 -12.70 -8.72 -3.79
N ILE B 77 -12.25 -8.01 -4.83
CA ILE B 77 -12.72 -6.64 -5.10
C ILE B 77 -14.24 -6.54 -5.26
N THR B 78 -14.88 -7.58 -5.81
CA THR B 78 -16.35 -7.58 -5.92
C THR B 78 -17.09 -7.72 -4.58
N HIS B 79 -16.39 -8.05 -3.48
CA HIS B 79 -17.00 -8.14 -2.14
C HIS B 79 -17.01 -6.82 -1.39
N LEU B 80 -16.33 -5.80 -1.93
CA LEU B 80 -16.38 -4.46 -1.34
C LEU B 80 -17.74 -3.81 -1.52
N GLN B 81 -18.26 -3.27 -0.42
CA GLN B 81 -19.34 -2.30 -0.50
C GLN B 81 -18.66 -0.97 -0.77
N TYR B 82 -19.29 -0.15 -1.59
CA TYR B 82 -18.66 1.08 -2.09
C TYR B 82 -19.72 2.15 -2.33
N CYS B 83 -19.29 3.38 -2.53
CA CYS B 83 -20.22 4.45 -2.78
C CYS B 83 -20.20 4.93 -4.23
N VAL B 84 -21.26 5.65 -4.59
CA VAL B 84 -21.43 6.18 -5.95
C VAL B 84 -21.44 7.69 -5.98
N CYS B 85 -20.86 8.31 -4.95
CA CYS B 85 -20.91 9.75 -4.78
C CYS B 85 -20.33 10.54 -5.97
N ILE B 86 -21.00 11.65 -6.29
CA ILE B 86 -20.59 12.57 -7.35
C ILE B 86 -19.91 13.80 -6.78
N ASP B 87 -19.77 13.86 -5.46
CA ASP B 87 -19.18 14.97 -4.77
C ASP B 87 -17.92 14.48 -4.02
N ASP B 88 -17.59 15.11 -2.91
CA ASP B 88 -16.43 14.75 -2.08
C ASP B 88 -16.81 13.85 -0.89
N CYS B 89 -17.94 13.13 -1.01
CA CYS B 89 -18.46 12.28 0.05
C CYS B 89 -18.77 13.03 1.35
N SER B 90 -19.18 14.29 1.27
CA SER B 90 -19.57 15.03 2.47
C SER B 90 -21.10 15.09 2.62
N SER B 91 -21.85 14.48 1.70
CA SER B 91 -23.31 14.54 1.78
C SER B 91 -23.83 13.42 2.66
N SER B 92 -25.08 13.59 3.06
CA SER B 92 -25.88 12.56 3.71
C SER B 92 -25.94 11.24 2.93
N ASN B 93 -25.74 11.29 1.62
CA ASN B 93 -26.03 10.13 0.79
C ASN B 93 -24.88 9.16 0.59
N CYS B 94 -23.69 9.45 1.10
CA CYS B 94 -22.57 8.51 0.89
C CYS B 94 -22.81 7.13 1.53
N MET B 95 -22.84 6.07 0.72
N MET B 95 -22.81 6.08 0.72
CA MET B 95 -23.04 4.71 1.24
CA MET B 95 -23.06 4.74 1.21
C MET B 95 -22.00 4.36 2.31
C MET B 95 -21.98 4.20 2.14
N CYS B 96 -20.76 4.76 2.07
CA CYS B 96 -19.67 4.42 2.99
C CYS B 96 -19.90 5.02 4.37
N GLY B 97 -20.29 6.30 4.40
CA GLY B 97 -20.76 6.95 5.61
C GLY B 97 -21.90 6.20 6.29
N GLN B 98 -22.88 5.73 5.51
CA GLN B 98 -24.03 4.97 6.03
CA GLN B 98 -24.03 4.98 6.05
C GLN B 98 -23.60 3.71 6.76
N LEU B 99 -22.61 3.00 6.21
CA LEU B 99 -22.07 1.80 6.83
C LEU B 99 -21.47 2.10 8.19
N SER B 100 -20.91 3.32 8.31
CA SER B 100 -20.26 3.86 9.50
C SER B 100 -21.26 4.52 10.46
N MET B 101 -22.57 4.37 10.21
CA MET B 101 -23.68 5.20 10.72
C MET B 101 -23.84 6.57 10.01
N ARG B 102 -22.80 7.36 10.07
CA ARG B 102 -22.63 8.51 9.20
C ARG B 102 -21.13 8.61 9.05
N CYS B 103 -20.65 9.40 8.10
CA CYS B 103 -19.25 9.76 8.08
C CYS B 103 -18.93 10.55 9.31
N TRP B 104 -17.94 10.11 10.08
CA TRP B 104 -17.59 10.82 11.33
C TRP B 104 -16.51 11.87 11.16
N TYR B 105 -16.01 12.08 9.93
CA TYR B 105 -14.88 12.96 9.74
C TYR B 105 -15.34 14.32 9.28
N ASP B 106 -14.81 15.36 9.92
CA ASP B 106 -15.02 16.75 9.50
C ASP B 106 -14.06 17.10 8.36
N LYS B 107 -14.09 18.34 7.88
CA LYS B 107 -13.25 18.75 6.75
C LYS B 107 -11.74 18.69 7.03
N ASP B 108 -11.36 18.73 8.31
CA ASP B 108 -9.95 18.58 8.71
C ASP B 108 -9.54 17.15 9.03
N GLY B 109 -10.43 16.19 8.84
CA GLY B 109 -10.14 14.80 9.13
C GLY B 109 -10.30 14.41 10.59
N ARG B 110 -10.96 15.25 11.39
CA ARG B 110 -11.15 14.97 12.82
CA ARG B 110 -11.14 14.97 12.82
C ARG B 110 -12.55 14.41 13.08
N LEU B 111 -12.67 13.59 14.10
CA LEU B 111 -13.96 13.00 14.46
C LEU B 111 -14.88 14.12 14.94
N LEU B 112 -16.15 14.02 14.55
CA LEU B 112 -17.18 14.99 14.94
C LEU B 112 -17.32 14.95 16.47
N PRO B 113 -17.72 16.08 17.08
CA PRO B 113 -18.00 16.13 18.53
C PRO B 113 -18.96 15.06 19.06
N GLU B 114 -19.88 14.60 18.23
CA GLU B 114 -20.89 13.62 18.63
C GLU B 114 -20.34 12.20 18.65
N PHE B 115 -19.15 11.99 18.09
CA PHE B 115 -18.54 10.67 18.10
C PHE B 115 -18.48 10.09 19.51
N ASN B 116 -18.97 8.87 19.64
CA ASN B 116 -19.04 8.22 20.94
C ASN B 116 -17.71 7.55 21.33
N MET B 117 -16.88 8.26 22.08
CA MET B 117 -15.55 7.78 22.51
C MET B 117 -15.62 6.54 23.41
N ALA B 118 -16.70 6.43 24.17
CA ALA B 118 -16.91 5.32 25.09
C ALA B 118 -17.40 4.09 24.38
N GLU B 119 -17.97 4.25 23.18
CA GLU B 119 -18.50 3.13 22.43
C GLU B 119 -18.40 3.39 20.91
N PRO B 120 -17.17 3.38 20.37
CA PRO B 120 -16.98 3.80 18.98
C PRO B 120 -17.65 2.87 17.97
N PRO B 121 -18.19 3.43 16.89
CA PRO B 121 -18.70 2.64 15.77
C PRO B 121 -17.54 2.11 14.92
N LEU B 122 -17.84 1.13 14.08
CA LEU B 122 -16.90 0.68 13.03
C LEU B 122 -16.90 1.75 11.95
N ILE B 123 -15.72 2.14 11.48
CA ILE B 123 -15.60 3.14 10.42
C ILE B 123 -15.25 2.41 9.13
N PHE B 124 -16.02 2.68 8.07
CA PHE B 124 -15.72 2.21 6.73
C PHE B 124 -15.32 3.42 5.91
N GLU B 125 -14.02 3.53 5.62
CA GLU B 125 -13.53 4.58 4.77
C GLU B 125 -13.81 4.20 3.32
N CYS B 126 -13.75 5.20 2.46
CA CYS B 126 -13.85 4.97 1.05
C CYS B 126 -12.68 4.14 0.56
N ASN B 127 -12.88 3.50 -0.56
CA ASN B 127 -11.92 2.55 -1.10
C ASN B 127 -11.83 2.67 -2.63
N HIS B 128 -10.97 1.85 -3.21
CA HIS B 128 -10.70 1.87 -4.64
C HIS B 128 -11.87 1.39 -5.52
N ALA B 129 -12.90 0.75 -4.93
CA ALA B 129 -14.15 0.41 -5.67
C ALA B 129 -15.17 1.56 -5.70
N CYS B 130 -15.03 2.53 -4.81
CA CYS B 130 -15.89 3.72 -4.81
C CYS B 130 -15.74 4.59 -6.06
N SER B 131 -16.82 5.29 -6.41
CA SER B 131 -16.81 6.18 -7.59
C SER B 131 -16.14 7.53 -7.33
N CYS B 132 -15.92 7.85 -6.06
CA CYS B 132 -15.33 9.13 -5.66
C CYS B 132 -13.83 9.16 -5.91
N TRP B 133 -13.28 10.34 -5.69
CA TRP B 133 -11.87 10.59 -5.90
C TRP B 133 -11.06 10.26 -4.63
N ARG B 134 -9.76 10.11 -4.83
CA ARG B 134 -8.85 9.74 -3.75
C ARG B 134 -8.75 10.78 -2.63
N ASN B 135 -9.16 12.01 -2.92
CA ASN B 135 -9.10 13.11 -1.94
C ASN B 135 -10.44 13.41 -1.27
N CYS B 136 -11.38 12.46 -1.31
CA CYS B 136 -12.71 12.67 -0.72
C CYS B 136 -12.60 12.78 0.79
N ARG B 137 -13.69 13.19 1.42
CA ARG B 137 -13.71 13.46 2.86
CA ARG B 137 -13.80 13.43 2.87
C ARG B 137 -13.57 12.18 3.72
N ASN B 138 -13.97 11.04 3.20
CA ASN B 138 -14.06 9.83 4.02
C ASN B 138 -12.81 8.96 3.92
N ARG B 139 -11.67 9.60 4.12
CA ARG B 139 -10.36 8.96 3.98
C ARG B 139 -9.46 9.74 4.94
N VAL B 140 -9.06 9.08 6.01
CA VAL B 140 -8.20 9.69 7.04
C VAL B 140 -7.13 8.69 7.41
N VAL B 141 -7.54 7.54 7.95
CA VAL B 141 -6.57 6.51 8.39
C VAL B 141 -5.74 5.99 7.20
N GLN B 142 -6.36 5.87 6.04
CA GLN B 142 -5.64 5.38 4.83
C GLN B 142 -4.56 6.36 4.35
N ASN B 143 -4.60 7.59 4.83
CA ASN B 143 -3.58 8.60 4.50
C ASN B 143 -2.35 8.57 5.38
N GLY B 144 -2.37 7.75 6.43
CA GLY B 144 -1.17 7.48 7.20
C GLY B 144 -0.91 8.45 8.35
N LEU B 145 0.11 8.08 9.11
CA LEU B 145 0.50 8.79 10.31
C LEU B 145 1.01 10.17 9.91
N ARG B 146 0.48 11.21 10.57
CA ARG B 146 0.88 12.59 10.35
C ARG B 146 1.38 13.35 11.57
N ALA B 147 0.99 12.95 12.78
CA ALA B 147 1.39 13.70 13.98
C ALA B 147 2.88 13.52 14.24
N ARG B 148 3.49 14.53 14.84
CA ARG B 148 4.89 14.47 15.21
C ARG B 148 5.01 13.73 16.54
N LEU B 149 5.54 12.52 16.51
CA LEU B 149 5.67 11.66 17.69
C LEU B 149 7.13 11.41 18.04
N GLN B 150 7.38 10.93 19.25
CA GLN B 150 8.74 10.64 19.69
C GLN B 150 8.75 9.49 20.66
N LEU B 151 9.63 8.52 20.40
CA LEU B 151 9.89 7.44 21.32
C LEU B 151 10.84 8.01 22.37
N TYR B 152 10.53 7.83 23.65
CA TYR B 152 11.41 8.35 24.72
C TYR B 152 11.49 7.40 25.89
N ARG B 153 12.55 7.55 26.69
CA ARG B 153 12.72 6.72 27.88
C ARG B 153 11.94 7.39 29.02
N THR B 154 10.99 6.66 29.57
CA THR B 154 10.26 7.13 30.76
C THR B 154 11.07 6.80 32.01
N ARG B 155 10.71 7.43 33.11
CA ARG B 155 11.41 7.20 34.39
C ARG B 155 11.13 5.81 34.93
N ASP B 156 9.90 5.31 34.82
CA ASP B 156 9.60 4.00 35.43
C ASP B 156 8.71 3.03 34.65
N MET B 157 8.42 3.31 33.38
CA MET B 157 7.61 2.41 32.54
C MET B 157 8.32 2.06 31.23
N GLY B 158 9.65 1.96 31.25
CA GLY B 158 10.42 1.65 30.03
C GLY B 158 10.31 2.72 28.98
N TRP B 159 10.17 2.31 27.72
CA TRP B 159 9.98 3.22 26.62
C TRP B 159 8.49 3.64 26.61
N GLY B 160 8.26 4.90 26.26
CA GLY B 160 6.92 5.42 25.95
C GLY B 160 6.93 6.25 24.70
N VAL B 161 5.74 6.69 24.27
CA VAL B 161 5.63 7.57 23.12
C VAL B 161 4.98 8.86 23.54
N ARG B 162 5.54 9.98 23.11
CA ARG B 162 4.93 11.29 23.36
C ARG B 162 4.64 12.04 22.08
N SER B 163 3.72 12.99 22.17
CA SER B 163 3.47 13.92 21.09
C SER B 163 4.42 15.09 21.25
N LEU B 164 5.04 15.49 20.14
CA LEU B 164 5.86 16.72 20.10
C LEU B 164 5.06 18.01 19.81
N GLN B 165 3.80 17.85 19.41
N GLN B 165 3.81 17.88 19.41
CA GLN B 165 2.89 18.95 19.07
CA GLN B 165 2.94 19.03 19.18
C GLN B 165 1.59 18.82 19.87
C GLN B 165 1.59 18.81 19.81
N ASP B 166 0.81 19.90 19.91
CA ASP B 166 -0.57 19.83 20.34
C ASP B 166 -1.35 18.98 19.31
N ILE B 167 -2.20 18.08 19.79
CA ILE B 167 -3.07 17.29 18.94
C ILE B 167 -4.50 17.62 19.35
N PRO B 168 -5.26 18.25 18.45
CA PRO B 168 -6.65 18.51 18.79
C PRO B 168 -7.46 17.24 19.05
N PRO B 169 -8.58 17.37 19.77
CA PRO B 169 -9.48 16.24 19.96
C PRO B 169 -9.95 15.62 18.63
N GLY B 170 -10.10 14.30 18.64
CA GLY B 170 -10.65 13.59 17.52
C GLY B 170 -9.70 13.41 16.34
N THR B 171 -8.40 13.60 16.57
CA THR B 171 -7.39 13.49 15.50
C THR B 171 -6.86 12.07 15.42
N PHE B 172 -6.68 11.56 14.20
CA PHE B 172 -6.01 10.28 13.99
C PHE B 172 -4.54 10.42 14.38
N VAL B 173 -4.09 9.60 15.33
CA VAL B 173 -2.71 9.71 15.81
C VAL B 173 -1.80 8.65 15.21
N CYS B 174 -2.18 7.39 15.34
CA CYS B 174 -1.39 6.28 14.80
C CYS B 174 -2.21 4.99 14.80
N GLU B 175 -1.78 4.04 13.98
CA GLU B 175 -2.42 2.71 13.90
C GLU B 175 -1.66 1.72 14.77
N TYR B 176 -2.37 0.77 15.37
CA TYR B 176 -1.73 -0.34 16.09
C TYR B 176 -1.36 -1.38 15.03
N VAL B 177 -0.09 -1.39 14.66
CA VAL B 177 0.41 -2.23 13.60
C VAL B 177 1.27 -3.35 14.15
N GLY B 178 1.10 -4.54 13.59
CA GLY B 178 1.91 -5.67 13.92
C GLY B 178 1.65 -6.89 13.05
N GLU B 179 1.90 -8.05 13.63
CA GLU B 179 1.72 -9.33 12.99
C GLU B 179 0.32 -9.86 13.28
N LEU B 180 -0.46 -10.11 12.22
CA LEU B 180 -1.80 -10.65 12.37
C LEU B 180 -1.71 -12.13 12.64
N ILE B 181 -2.28 -12.57 13.77
CA ILE B 181 -2.24 -13.99 14.16
C ILE B 181 -3.60 -14.49 14.63
N SER B 182 -3.80 -15.82 14.57
CA SER B 182 -5.03 -16.43 15.05
C SER B 182 -5.06 -16.43 16.57
N ASP B 183 -6.25 -16.59 17.15
CA ASP B 183 -6.36 -16.77 18.59
C ASP B 183 -5.57 -17.99 19.08
N SER B 184 -5.58 -19.09 18.31
CA SER B 184 -4.83 -20.30 18.67
CA SER B 184 -4.83 -20.30 18.66
C SER B 184 -3.32 -20.09 18.68
N GLU B 185 -2.82 -19.18 17.83
CA GLU B 185 -1.41 -18.83 17.85
C GLU B 185 -1.13 -17.93 19.04
N ALA B 186 -2.02 -16.97 19.32
CA ALA B 186 -1.88 -16.13 20.50
C ALA B 186 -1.80 -17.00 21.77
N ASP B 187 -2.62 -18.04 21.82
CA ASP B 187 -2.63 -19.00 22.95
C ASP B 187 -1.26 -19.62 23.27
N VAL B 188 -0.36 -19.72 22.28
CA VAL B 188 0.99 -20.29 22.50
C VAL B 188 2.12 -19.27 22.34
N ARG B 189 1.81 -17.99 22.43
CA ARG B 189 2.80 -16.93 22.40
C ARG B 189 3.16 -16.56 23.84
N GLU B 190 4.37 -16.95 24.28
CA GLU B 190 4.84 -16.65 25.65
C GLU B 190 4.90 -15.15 25.96
N GLU B 191 5.40 -14.36 25.02
CA GLU B 191 5.48 -12.91 25.23
C GLU B 191 4.19 -12.27 24.72
N ASP B 192 3.30 -11.94 25.67
CA ASP B 192 1.97 -11.44 25.39
C ASP B 192 1.77 -9.96 25.79
N SER B 193 2.87 -9.24 26.01
CA SER B 193 2.82 -7.84 26.45
C SER B 193 2.61 -6.84 25.30
N TYR B 194 2.61 -7.32 24.06
CA TYR B 194 2.41 -6.49 22.87
C TYR B 194 1.32 -7.07 21.97
N LEU B 195 0.19 -7.43 22.58
CA LEU B 195 -0.93 -8.03 21.89
C LEU B 195 -2.15 -7.11 21.92
N PHE B 196 -2.84 -7.00 20.79
CA PHE B 196 -4.11 -6.29 20.70
C PHE B 196 -5.15 -7.25 20.15
N ASP B 197 -6.20 -7.53 20.90
CA ASP B 197 -7.24 -8.47 20.49
C ASP B 197 -8.21 -7.83 19.53
N LEU B 198 -8.57 -8.53 18.47
CA LEU B 198 -9.55 -8.02 17.49
C LEU B 198 -10.96 -8.55 17.86
N ASP B 199 -11.90 -8.60 16.90
CA ASP B 199 -13.34 -8.82 17.16
C ASP B 199 -13.79 -10.24 16.83
N ASN B 200 -14.67 -10.83 17.64
CA ASN B 200 -15.23 -12.15 17.34
C ASN B 200 -16.17 -12.14 16.12
N LYS B 201 -15.84 -12.97 15.11
CA LYS B 201 -16.61 -13.18 13.88
C LYS B 201 -16.79 -11.89 13.06
N GLY B 203 -17.60 -16.98 14.90
CA GLY B 203 -16.87 -17.79 15.87
C GLY B 203 -15.39 -17.85 15.54
N GLU B 204 -14.83 -16.70 15.15
CA GLU B 204 -13.46 -16.63 14.66
C GLU B 204 -12.85 -15.31 15.11
N VAL B 205 -11.67 -15.37 15.70
CA VAL B 205 -11.07 -14.18 16.29
C VAL B 205 -9.55 -14.16 16.16
N TYR B 206 -9.04 -12.96 15.90
CA TYR B 206 -7.64 -12.74 15.60
C TYR B 206 -7.06 -11.70 16.53
N CYS B 207 -5.74 -11.51 16.40
CA CYS B 207 -4.97 -10.64 17.28
CA CYS B 207 -5.00 -10.67 17.29
C CYS B 207 -3.90 -9.99 16.47
N ILE B 208 -3.46 -8.82 16.93
CA ILE B 208 -2.28 -8.19 16.37
C ILE B 208 -1.18 -8.37 17.41
N ASP B 209 -0.12 -9.10 17.08
CA ASP B 209 1.06 -9.20 17.94
C ASP B 209 2.15 -8.28 17.43
N ALA B 210 2.49 -7.27 18.23
CA ALA B 210 3.52 -6.31 17.86
C ALA B 210 4.90 -6.60 18.50
N ARG B 211 5.05 -7.78 19.10
CA ARG B 211 6.32 -8.14 19.76
C ARG B 211 7.51 -8.21 18.77
N PHE B 212 7.32 -8.92 17.67
CA PHE B 212 8.42 -9.15 16.71
C PHE B 212 8.42 -8.18 15.55
N TYR B 213 7.22 -7.84 15.05
CA TYR B 213 7.02 -6.87 14.01
C TYR B 213 5.98 -5.89 14.52
N GLY B 214 6.30 -4.61 14.50
CA GLY B 214 5.35 -3.57 14.93
C GLY B 214 5.78 -2.18 14.55
N ASN B 215 4.88 -1.21 14.71
CA ASN B 215 5.19 0.19 14.50
C ASN B 215 5.31 0.89 15.86
N VAL B 216 5.28 2.21 15.83
CA VAL B 216 5.44 3.07 17.01
C VAL B 216 4.44 2.71 18.13
N SER B 217 3.24 2.24 17.76
CA SER B 217 2.19 1.97 18.76
C SER B 217 2.56 0.91 19.77
N ARG B 218 3.46 0.00 19.39
CA ARG B 218 3.94 -1.03 20.32
C ARG B 218 4.57 -0.43 21.60
N PHE B 219 5.01 0.82 21.51
CA PHE B 219 5.64 1.51 22.65
C PHE B 219 4.70 2.33 23.53
N ILE B 220 3.42 2.42 23.15
CA ILE B 220 2.47 3.25 23.89
C ILE B 220 2.09 2.53 25.19
N ASN B 221 2.25 3.22 26.31
CA ASN B 221 1.93 2.69 27.63
C ASN B 221 0.45 2.81 27.97
N HIS B 222 0.01 2.02 28.95
CA HIS B 222 -1.39 2.00 29.38
C HIS B 222 -1.66 3.18 30.29
N HIS B 223 -2.83 3.81 30.09
CA HIS B 223 -3.32 4.83 31.01
C HIS B 223 -4.80 4.57 31.28
N CYS B 224 -5.20 4.72 32.54
CA CYS B 224 -6.59 4.45 32.95
C CYS B 224 -7.60 5.54 32.53
N GLU B 225 -7.12 6.75 32.32
CA GLU B 225 -7.88 7.87 31.72
C GLU B 225 -7.21 8.32 30.42
N PRO B 226 -7.31 7.47 29.38
CA PRO B 226 -6.41 7.56 28.22
C PRO B 226 -6.71 8.71 27.30
N ASN B 227 -5.65 9.27 26.71
CA ASN B 227 -5.80 10.30 25.71
C ASN B 227 -6.00 9.77 24.28
N LEU B 228 -5.93 8.45 24.12
CA LEU B 228 -6.20 7.78 22.84
C LEU B 228 -7.27 6.72 23.01
N VAL B 229 -8.10 6.53 22.00
CA VAL B 229 -9.09 5.45 21.96
C VAL B 229 -8.90 4.68 20.67
N PRO B 230 -8.93 3.34 20.73
CA PRO B 230 -8.82 2.55 19.49
C PRO B 230 -10.18 2.48 18.80
N VAL B 231 -10.17 2.66 17.48
CA VAL B 231 -11.37 2.58 16.64
C VAL B 231 -11.08 1.56 15.56
N ARG B 232 -12.02 0.65 15.33
CA ARG B 232 -11.92 -0.33 14.26
C ARG B 232 -12.28 0.30 12.92
N VAL B 233 -11.36 0.15 11.94
CA VAL B 233 -11.50 0.81 10.67
C VAL B 233 -11.29 -0.17 9.51
N PHE B 234 -12.09 -0.01 8.46
CA PHE B 234 -11.92 -0.76 7.22
C PHE B 234 -11.60 0.18 6.07
N MET B 235 -10.66 -0.24 5.25
CA MET B 235 -10.18 0.59 4.15
C MET B 235 -10.15 -0.27 2.88
N ALA B 236 -9.01 -0.89 2.56
CA ALA B 236 -8.88 -1.60 1.27
C ALA B 236 -9.66 -2.92 1.18
N HIS B 237 -9.94 -3.54 2.34
CA HIS B 237 -10.79 -4.71 2.42
C HIS B 237 -11.85 -4.49 3.49
N GLN B 238 -12.90 -5.32 3.47
CA GLN B 238 -13.96 -5.25 4.47
C GLN B 238 -14.22 -6.63 5.11
N ASP B 239 -13.15 -7.38 5.26
CA ASP B 239 -13.16 -8.63 6.01
C ASP B 239 -13.26 -8.29 7.49
N LEU B 240 -14.44 -8.57 8.06
CA LEU B 240 -14.77 -8.14 9.41
C LEU B 240 -13.96 -8.85 10.51
N ARG B 241 -13.26 -9.91 10.15
CA ARG B 241 -12.33 -10.60 11.06
C ARG B 241 -11.04 -9.77 11.30
N PHE B 242 -10.74 -8.83 10.39
CA PHE B 242 -9.48 -8.09 10.39
C PHE B 242 -9.69 -6.56 10.34
N PRO B 243 -10.39 -6.01 11.35
CA PRO B 243 -10.42 -4.57 11.44
C PRO B 243 -8.99 -4.09 11.68
N ARG B 244 -8.70 -2.91 11.19
CA ARG B 244 -7.47 -2.22 11.52
C ARG B 244 -7.75 -1.26 12.67
N ILE B 245 -6.75 -1.11 13.53
CA ILE B 245 -6.93 -0.45 14.81
C ILE B 245 -6.30 0.94 14.77
N ALA B 246 -7.14 1.96 14.73
CA ALA B 246 -6.73 3.36 14.63
C ALA B 246 -6.93 4.07 15.93
N PHE B 247 -5.86 4.62 16.48
CA PHE B 247 -5.94 5.45 17.67
C PHE B 247 -6.27 6.89 17.32
N PHE B 248 -7.33 7.40 17.95
CA PHE B 248 -7.71 8.81 17.84
C PHE B 248 -7.62 9.47 19.19
N SER B 249 -7.29 10.77 19.20
CA SER B 249 -7.19 11.52 20.46
C SER B 249 -8.60 11.73 21.06
N THR B 250 -8.70 11.55 22.38
CA THR B 250 -9.98 11.66 23.07
C THR B 250 -10.21 13.06 23.62
N ARG B 251 -9.21 13.92 23.49
CA ARG B 251 -9.19 15.27 24.04
C ARG B 251 -7.98 15.95 23.41
N LEU B 252 -7.85 17.26 23.63
CA LEU B 252 -6.63 17.96 23.28
C LEU B 252 -5.45 17.31 24.02
N ILE B 253 -4.46 16.85 23.26
CA ILE B 253 -3.21 16.36 23.83
C ILE B 253 -2.18 17.46 23.66
N GLU B 254 -1.58 17.91 24.76
CA GLU B 254 -0.63 19.02 24.70
C GLU B 254 0.76 18.54 24.28
N ALA B 255 1.48 19.40 23.57
CA ALA B 255 2.85 19.13 23.18
C ALA B 255 3.65 18.62 24.38
N GLY B 256 4.39 17.53 24.20
CA GLY B 256 5.12 16.90 25.29
C GLY B 256 4.40 15.77 26.04
N GLU B 257 3.07 15.70 25.96
CA GLU B 257 2.34 14.68 26.73
C GLU B 257 2.64 13.29 26.22
N GLN B 258 2.77 12.35 27.16
CA GLN B 258 2.83 10.95 26.81
C GLN B 258 1.48 10.48 26.27
N LEU B 259 1.54 9.66 25.22
CA LEU B 259 0.37 8.99 24.70
C LEU B 259 0.00 7.80 25.57
N GLY B 260 -1.29 7.56 25.74
CA GLY B 260 -1.75 6.37 26.39
C GLY B 260 -3.08 5.87 25.88
N PHE B 261 -3.23 4.55 25.88
CA PHE B 261 -4.55 3.94 25.67
C PHE B 261 -4.86 2.96 26.79
N ASP B 262 -6.12 2.56 26.88
CA ASP B 262 -6.56 1.55 27.86
C ASP B 262 -6.36 0.16 27.27
N TYR B 263 -5.37 -0.56 27.78
CA TYR B 263 -5.07 -1.94 27.37
C TYR B 263 -6.22 -2.92 27.59
N GLY B 264 -7.11 -2.60 28.55
CA GLY B 264 -8.31 -3.41 28.76
C GLY B 264 -8.14 -4.45 29.85
N GLU B 265 -9.23 -5.16 30.13
N GLU B 265 -9.23 -5.16 30.13
CA GLU B 265 -9.32 -6.06 31.29
CA GLU B 265 -9.32 -6.03 31.31
C GLU B 265 -8.53 -7.35 31.13
C GLU B 265 -8.59 -7.37 31.14
N ARG B 266 -8.43 -7.87 29.91
CA ARG B 266 -7.68 -9.11 29.68
C ARG B 266 -6.21 -8.90 30.02
N PHE B 267 -5.64 -7.81 29.52
CA PHE B 267 -4.25 -7.50 29.85
C PHE B 267 -4.04 -7.49 31.36
N TRP B 268 -4.92 -6.80 32.07
CA TRP B 268 -4.71 -6.56 33.49
C TRP B 268 -5.07 -7.77 34.35
N ASP B 269 -6.03 -8.56 33.88
CA ASP B 269 -6.35 -9.85 34.51
C ASP B 269 -5.12 -10.76 34.56
N ILE B 270 -4.31 -10.73 33.48
CA ILE B 270 -3.09 -11.52 33.40
C ILE B 270 -1.94 -10.84 34.13
N LYS B 271 -1.65 -9.59 33.80
CA LYS B 271 -0.44 -8.92 34.26
C LYS B 271 -0.56 -8.34 35.67
N GLY B 272 -1.79 -8.17 36.17
CA GLY B 272 -2.04 -7.65 37.51
C GLY B 272 -1.38 -8.44 38.62
N LYS B 273 -1.24 -9.75 38.43
CA LYS B 273 -0.54 -10.57 39.42
C LYS B 273 0.98 -10.49 39.35
N LEU B 274 1.53 -9.87 38.30
CA LEU B 274 2.96 -9.59 38.22
C LEU B 274 3.32 -8.16 38.60
N PHE B 275 2.46 -7.19 38.27
CA PHE B 275 2.73 -5.79 38.62
C PHE B 275 1.42 -5.01 38.58
N SER B 276 1.44 -3.87 39.25
CA SER B 276 0.29 -2.97 39.30
CA SER B 276 0.30 -2.96 39.31
C SER B 276 0.49 -1.81 38.32
N CYS B 277 -0.60 -1.13 38.00
CA CYS B 277 -0.57 0.00 37.11
C CYS B 277 0.17 1.18 37.71
N ARG B 278 1.07 1.77 36.93
CA ARG B 278 1.78 2.96 37.36
C ARG B 278 1.43 4.20 36.54
N CYS B 279 0.21 4.24 36.02
CA CYS B 279 -0.24 5.37 35.22
C CYS B 279 -0.36 6.63 36.07
N GLY B 280 -0.60 6.47 37.37
CA GLY B 280 -0.65 7.60 38.28
C GLY B 280 -1.94 8.40 38.27
N SER B 281 -2.95 7.92 37.54
CA SER B 281 -4.25 8.55 37.57
C SER B 281 -4.82 8.50 39.00
N PRO B 282 -5.41 9.60 39.45
CA PRO B 282 -6.17 9.55 40.71
C PRO B 282 -7.37 8.61 40.67
N LYS B 283 -7.83 8.24 39.46
CA LYS B 283 -8.92 7.29 39.26
CA LYS B 283 -8.92 7.29 39.26
C LYS B 283 -8.41 5.96 38.68
N CYS B 284 -7.12 5.68 38.86
CA CYS B 284 -6.53 4.43 38.38
C CYS B 284 -7.35 3.21 38.82
N ARG B 285 -7.62 2.30 37.88
CA ARG B 285 -8.45 1.13 38.12
C ARG B 285 -7.66 -0.17 38.27
N HIS B 286 -6.32 -0.10 38.22
CA HIS B 286 -5.44 -1.26 38.22
C HIS B 286 -4.23 -1.08 39.13
N SER B 287 -4.33 -0.20 40.12
CA SER B 287 -3.21 0.12 41.01
C SER B 287 -3.17 -0.92 42.13
N SAM C . -6.60 0.63 -28.56
CA SAM C . -7.11 -0.12 -27.41
C SAM C . -8.41 0.48 -26.95
O SAM C . -8.92 1.38 -27.65
OXT SAM C . -8.93 0.02 -25.91
CB SAM C . -6.09 -0.15 -26.27
CG SAM C . -5.13 -1.35 -26.40
SD SAM C . -5.78 -2.88 -26.12
CE SAM C . -4.91 -3.56 -24.87
C5' SAM C . -5.45 -3.88 -27.42
C4' SAM C . -6.29 -3.67 -28.69
O4' SAM C . -5.99 -2.44 -29.36
C3' SAM C . -6.00 -4.75 -29.74
O3' SAM C . -6.71 -5.97 -29.56
C2' SAM C . -6.36 -4.06 -31.04
O2' SAM C . -7.76 -4.02 -31.23
C1' SAM C . -5.84 -2.67 -30.78
N9 SAM C . -4.41 -2.55 -31.15
C8 SAM C . -3.37 -2.38 -30.30
N7 SAM C . -2.20 -2.30 -30.96
C5 SAM C . -2.49 -2.45 -32.27
C6 SAM C . -1.67 -2.47 -33.50
N6 SAM C . -0.33 -2.31 -33.45
N1 SAM C . -2.33 -2.64 -34.68
C2 SAM C . -3.67 -2.79 -34.72
N3 SAM C . -4.48 -2.78 -33.63
C4 SAM C . -3.93 -2.61 -32.39
C4 90P D . -4.00 -16.72 -22.68
C5 90P D . -5.33 -16.00 -24.42
C6 90P D . -7.44 -17.25 -24.95
N1 90P D . -5.08 -16.88 -23.47
C7 90P D . -8.17 -17.50 -26.26
C8 90P D . -9.34 -18.47 -26.07
N2 90P D . -6.47 -16.17 -25.13
C9 90P D . -11.48 -18.80 -24.98
C10 90P D . -9.59 -17.86 -23.79
C11 90P D . -8.41 -16.88 -23.83
C12 90P D . -4.44 -14.88 -24.66
N3 90P D . -10.27 -17.94 -25.06
C13 90P D . -4.61 -13.91 -25.67
C14 90P D . -3.76 -12.85 -25.77
C15 90P D . -5.01 -11.86 -27.58
N4 90P D . -3.76 -17.72 -21.79
C16 90P D . -4.73 -18.80 -21.58
C17 90P D . -2.45 -17.89 -21.09
C22 90P D . -2.59 -18.19 -19.60
C21 90P D . -1.22 -18.17 -18.94
C20 90P D . -0.29 -19.19 -19.58
C19 90P D . -0.20 -18.98 -21.08
C18 90P D . -1.58 -18.95 -21.73
N 90P D . -3.12 -15.69 -22.77
C3 90P D . -3.35 -14.77 -23.77
C2 90P D . -2.47 -13.66 -23.89
O1 90P D . -3.86 -11.85 -26.71
C1 90P D . -2.67 -12.73 -24.87
O 90P D . -1.89 -11.61 -25.07
C 90P D . -0.62 -11.56 -24.42
ZN ZN E . 17.27 -4.64 0.37
ZN ZN F . 17.81 -0.90 0.17
ZN ZN G . 20.75 -3.18 0.39
ZN ZN H . 3.94 -3.71 -36.29
CL CL I . 11.81 6.38 -7.67
CL CL J . 1.88 -6.46 -3.27
UNK UNX K . -10.23 3.72 -34.32
UNK UNX L . 15.56 -15.10 4.53
UNK UNX M . 19.27 3.02 -20.34
UNK UNX N . 21.29 5.88 5.68
UNK UNX O . -16.35 2.56 -23.16
UNK UNX P . -3.20 -8.30 -5.20
UNK UNX Q . -9.35 -6.64 -29.92
N SAM R . 7.02 0.29 27.99
CA SAM R . 7.03 -0.74 26.98
C SAM R . 8.44 -0.99 26.48
O SAM R . 9.38 -0.36 27.05
OXT SAM R . 8.61 -1.81 25.53
CB SAM R . 6.09 -0.37 25.83
CG SAM R . 4.66 -0.80 26.13
SD SAM R . 4.38 -2.45 26.07
CE SAM R . 3.19 -2.69 24.95
C5' SAM R . 3.65 -3.00 27.48
C4' SAM R . 4.50 -3.07 28.75
O4' SAM R . 4.84 -1.77 29.22
C3' SAM R . 3.72 -3.70 29.90
O3' SAM R . 3.58 -5.15 29.90
C2' SAM R . 4.45 -3.15 31.10
O2' SAM R . 5.69 -3.83 31.31
C1' SAM R . 4.72 -1.73 30.66
N9 SAM R . 3.57 -0.83 31.00
C8 SAM R . 2.81 -0.17 30.11
N7 SAM R . 1.88 0.59 30.72
C5 SAM R . 2.05 0.40 32.05
C6 SAM R . 1.37 0.88 33.27
N6 SAM R . 0.34 1.75 33.16
N1 SAM R . 1.85 0.45 34.47
C2 SAM R . 2.90 -0.41 34.56
N3 SAM R . 3.55 -0.90 33.48
C4 SAM R . 3.17 -0.52 32.22
C4 90P S . -4.79 -13.41 24.34
C5 90P S . -3.13 -13.33 25.93
C6 90P S . -2.02 -15.46 26.63
N1 90P S . -3.89 -14.05 25.12
C7 90P S . -1.97 -16.03 28.03
C8 90P S . -1.61 -17.50 28.00
N2 90P S . -2.22 -14.01 26.66
C9 90P S . 0.07 -19.13 27.36
C10 90P S . -0.44 -17.24 25.93
C11 90P S . -0.75 -15.76 25.88
C12 90P S . -3.24 -11.91 26.00
N3 90P S . -0.33 -17.72 27.31
C13 90P S . -2.50 -11.08 26.87
C14 90P S . -2.67 -9.73 26.87
C15 90P S . -1.07 -9.32 28.64
N4 90P S . -5.66 -14.20 23.64
C16 90P S . -5.50 -15.65 23.61
C17 90P S . -6.85 -13.67 22.93
C22 90P S . -6.85 -14.06 21.47
C21 90P S . -8.01 -13.40 20.74
C20 90P S . -9.34 -13.80 21.37
C19 90P S . -9.36 -13.46 22.85
C18 90P S . -8.17 -14.09 23.57
N 90P S . -4.95 -12.06 24.27
C3 90P S . -4.17 -11.31 25.12
C2 90P S . -4.32 -9.90 25.12
O1 90P S . -2.02 -8.83 27.67
C1 90P S . -3.59 -9.12 25.97
O 90P S . -3.63 -7.76 26.02
C 90P S . -4.72 -7.09 25.36
ZN ZN T . -17.01 5.38 -0.68
ZN ZN U . -15.41 8.81 -0.99
ZN ZN V . -19.15 8.55 -0.92
ZN ZN W . -3.83 3.13 36.04
CL CL X . -4.90 -4.02 3.60
S DMS Y . -23.81 12.10 -3.53
O DMS Y . -22.85 12.24 -4.62
C1 DMS Y . -24.61 13.60 -3.31
C2 DMS Y . -25.06 11.02 -4.01
UNK UNX Z . -11.35 16.80 -7.12
UNK UNX AA . -6.52 14.15 7.75
UNK UNX BA . 12.25 2.22 33.20
UNK UNX CA . 9.77 -12.57 24.02
UNK UNX DA . -1.24 -8.59 4.97
UNK UNX EA . -2.11 -14.12 3.98
#